data_3MJO
#
_entry.id   3MJO
#
_cell.length_a   96.210
_cell.length_b   87.683
_cell.length_c   83.249
_cell.angle_alpha   90.00
_cell.angle_beta   99.29
_cell.angle_gamma   90.00
#
_symmetry.space_group_name_H-M   'C 1 2 1'
#
loop_
_entity.id
_entity.type
_entity.pdbx_description
1 polymer 'Ribonucleotide reductase subunit R2F'
2 non-polymer 'MANGANESE (III) ION'
3 water water
#
_entity_poly.entity_id   1
_entity_poly.type   'polypeptide(L)'
_entity_poly.pdbx_seq_one_letter_code
;SNEYDEYIANHTDPVKAINWNVIPDEKDLEVWDRLTGNFWLPEKIPVSNDIQSWNKMTPQEQLATMRVFTGLTLLDTIQG
TVGAISLLPDAETMHEEAVYTNIAFMESVHAKSYSNIFMTLASTPQINEAFRWSEENENLQRKAKIIMSYYNGDDPLKKK
VASTLLESFLFYSGFYLPMYLSSRAKLTNTADIIRLIIRDESVHGYYIGYKYQQGVKKLSEAEQEEYKAYTFDLMYDLYE
NEIEYTEDIYDDLGWTEDVKRFLRYNANKALNNLGYEGLFPTDETKVSPAILSSLS
;
_entity_poly.pdbx_strand_id   A,B
#
loop_
_chem_comp.id
_chem_comp.type
_chem_comp.name
_chem_comp.formula
MN3 non-polymer 'MANGANESE (III) ION' 'Mn 3'
#
# COMPACT_ATOMS: atom_id res chain seq x y z
N SER A 1 -9.89 -15.66 25.01
CA SER A 1 -8.96 -16.76 24.77
C SER A 1 -9.56 -17.84 23.88
N ASN A 2 -10.80 -17.63 23.44
CA ASN A 2 -11.46 -18.70 22.68
C ASN A 2 -11.44 -18.40 21.19
N GLU A 3 -12.05 -17.34 20.71
CA GLU A 3 -12.35 -17.01 19.33
C GLU A 3 -11.37 -17.55 18.28
N TYR A 4 -10.10 -17.70 18.60
CA TYR A 4 -9.04 -18.11 17.69
C TYR A 4 -8.23 -19.35 18.04
N ASP A 5 -8.85 -20.51 18.29
CA ASP A 5 -8.04 -21.73 18.52
C ASP A 5 -8.13 -22.61 17.28
N GLU A 6 -9.19 -22.50 16.47
CA GLU A 6 -9.35 -23.12 15.15
C GLU A 6 -8.46 -22.39 14.13
N TYR A 7 -8.41 -21.06 14.25
CA TYR A 7 -7.54 -20.23 13.45
C TYR A 7 -6.10 -20.75 13.57
N ILE A 8 -5.68 -20.96 14.82
CA ILE A 8 -4.29 -21.37 15.01
C ILE A 8 -4.01 -22.74 14.43
N ALA A 9 -4.95 -23.69 14.55
CA ALA A 9 -4.77 -25.01 13.96
C ALA A 9 -4.81 -24.95 12.44
N ASN A 10 -5.47 -23.95 11.89
CA ASN A 10 -5.45 -23.77 10.45
C ASN A 10 -4.19 -23.02 10.01
N HIS A 11 -3.50 -22.43 10.98
CA HIS A 11 -2.35 -21.56 10.76
C HIS A 11 -1.18 -21.92 11.66
N THR A 12 -0.61 -23.13 11.47
CA THR A 12 0.40 -23.58 12.40
C THR A 12 1.80 -23.07 12.09
N ASP A 13 2.08 -22.70 10.84
CA ASP A 13 3.44 -22.18 10.61
C ASP A 13 3.65 -20.90 11.44
N PRO A 14 4.85 -20.57 11.84
CA PRO A 14 5.13 -19.27 12.48
C PRO A 14 4.79 -18.11 11.57
N VAL A 15 4.32 -17.03 12.20
CA VAL A 15 4.27 -15.71 11.52
C VAL A 15 5.69 -15.17 11.44
N LYS A 16 6.10 -14.72 10.26
CA LYS A 16 7.45 -14.24 10.06
C LYS A 16 7.56 -12.74 9.94
N ALA A 17 8.68 -12.25 10.43
CA ALA A 17 9.09 -10.88 10.25
C ALA A 17 10.00 -10.73 9.04
N ILE A 18 9.84 -9.68 8.25
CA ILE A 18 10.69 -9.52 7.09
C ILE A 18 12.12 -9.18 7.52
N ASN A 19 13.06 -9.84 6.82
CA ASN A 19 14.46 -9.64 7.13
C ASN A 19 15.17 -9.12 5.91
N TRP A 20 15.57 -7.85 5.88
CA TRP A 20 16.24 -7.30 4.70
C TRP A 20 17.75 -7.59 4.68
N ASN A 21 18.26 -8.30 5.70
CA ASN A 21 19.64 -8.75 5.71
C ASN A 21 19.86 -9.97 4.81
N VAL A 22 18.79 -10.65 4.38
CA VAL A 22 18.90 -11.80 3.48
C VAL A 22 17.95 -11.59 2.33
N ILE A 23 18.41 -11.48 1.11
CA ILE A 23 17.61 -11.10 -0.05
C ILE A 23 17.70 -12.21 -1.11
N PRO A 24 16.72 -13.10 -1.18
CA PRO A 24 16.75 -14.17 -2.19
C PRO A 24 16.76 -13.67 -3.63
N ASP A 25 16.15 -12.52 -3.91
CA ASP A 25 16.11 -11.96 -5.27
C ASP A 25 16.52 -10.49 -5.25
N GLU A 26 17.73 -10.17 -5.70
CA GLU A 26 18.24 -8.79 -5.61
C GLU A 26 17.35 -7.81 -6.36
N LYS A 27 16.59 -8.31 -7.32
CA LYS A 27 15.69 -7.40 -8.05
C LYS A 27 14.65 -6.78 -7.12
N ASP A 28 14.24 -7.52 -6.08
CA ASP A 28 13.25 -6.96 -5.15
C ASP A 28 13.78 -5.70 -4.48
N LEU A 29 15.05 -5.75 -4.06
CA LEU A 29 15.67 -4.60 -3.42
C LEU A 29 15.93 -3.47 -4.41
N GLU A 30 16.38 -3.83 -5.62
CA GLU A 30 16.61 -2.78 -6.62
C GLU A 30 15.31 -2.03 -6.90
N VAL A 31 14.21 -2.77 -7.05
CA VAL A 31 12.94 -2.08 -7.36
C VAL A 31 12.41 -1.34 -6.14
N TRP A 32 12.49 -1.93 -4.95
CA TRP A 32 12.15 -1.15 -3.75
C TRP A 32 12.88 0.18 -3.74
N ASP A 33 14.21 0.14 -3.89
CA ASP A 33 15.00 1.36 -3.84
C ASP A 33 14.62 2.36 -4.92
N ARG A 34 14.45 1.89 -6.15
CA ARG A 34 14.02 2.79 -7.22
C ARG A 34 12.69 3.46 -6.93
N LEU A 35 11.69 2.61 -6.65
CA LEU A 35 10.33 3.19 -6.47
C LEU A 35 10.25 4.13 -5.26
N THR A 36 10.87 3.76 -4.16
CA THR A 36 10.76 4.61 -2.96
C THR A 36 11.61 5.85 -3.16
N GLY A 37 12.72 5.72 -3.89
CA GLY A 37 13.55 6.88 -4.17
C GLY A 37 12.84 7.86 -5.10
N ASN A 38 11.87 7.38 -5.88
CA ASN A 38 11.12 8.21 -6.82
C ASN A 38 9.83 8.74 -6.23
N PHE A 39 9.62 8.61 -4.90
CA PHE A 39 8.39 9.13 -4.28
C PHE A 39 8.13 10.57 -4.69
N TRP A 40 6.87 10.92 -4.94
CA TRP A 40 6.47 12.27 -5.29
C TRP A 40 5.00 12.41 -4.92
N LEU A 41 4.51 13.63 -4.83
CA LEU A 41 3.08 13.95 -4.70
C LEU A 41 2.73 15.00 -5.74
N PRO A 42 1.51 14.99 -6.25
CA PRO A 42 1.19 15.93 -7.32
C PRO A 42 1.34 17.38 -6.88
N GLU A 43 1.25 17.70 -5.59
CA GLU A 43 1.37 19.11 -5.19
C GLU A 43 2.75 19.69 -5.46
N LYS A 44 3.73 18.85 -5.83
CA LYS A 44 5.08 19.25 -6.11
C LYS A 44 5.15 20.01 -7.43
N ILE A 45 4.15 19.81 -8.29
CA ILE A 45 4.11 20.42 -9.62
C ILE A 45 3.09 21.58 -9.61
N PRO A 46 3.46 22.74 -10.14
CA PRO A 46 2.55 23.90 -10.22
C PRO A 46 1.53 23.80 -11.34
N VAL A 47 0.58 22.87 -11.16
CA VAL A 47 -0.45 22.76 -12.19
C VAL A 47 -1.25 24.04 -12.36
N SER A 48 -1.39 24.90 -11.33
CA SER A 48 -2.16 26.12 -11.60
C SER A 48 -1.53 26.96 -12.71
N ASN A 49 -0.25 26.79 -13.02
CA ASN A 49 0.35 27.54 -14.11
C ASN A 49 -0.27 27.16 -15.45
N ASP A 50 -1.04 26.07 -15.53
CA ASP A 50 -1.66 25.60 -16.76
C ASP A 50 -3.02 26.23 -17.02
N ILE A 51 -3.50 27.10 -16.10
CA ILE A 51 -4.85 27.62 -16.21
C ILE A 51 -5.05 28.36 -17.51
N GLN A 52 -4.12 29.23 -17.91
CA GLN A 52 -4.38 29.95 -19.16
C GLN A 52 -4.39 29.02 -20.37
N SER A 53 -3.47 28.06 -20.37
CA SER A 53 -3.39 27.10 -21.47
C SER A 53 -4.66 26.29 -21.58
N TRP A 54 -5.18 25.84 -20.44
CA TRP A 54 -6.45 25.09 -20.43
C TRP A 54 -7.56 25.96 -21.03
N ASN A 55 -7.60 27.21 -20.55
CA ASN A 55 -8.69 28.09 -20.98
C ASN A 55 -8.62 28.35 -22.48
N LYS A 56 -7.46 28.16 -23.08
CA LYS A 56 -7.37 28.38 -24.52
C LYS A 56 -7.63 27.11 -25.32
N MET A 57 -7.76 25.97 -24.64
CA MET A 57 -8.04 24.71 -25.36
C MET A 57 -9.44 24.68 -25.92
N THR A 58 -9.70 23.97 -27.01
CA THR A 58 -11.06 23.95 -27.54
C THR A 58 -11.96 23.09 -26.65
N PRO A 59 -13.26 23.24 -26.75
CA PRO A 59 -14.14 22.28 -26.06
C PRO A 59 -13.81 20.83 -26.41
N GLN A 60 -13.40 20.54 -27.64
CA GLN A 60 -13.11 19.13 -27.95
C GLN A 60 -11.84 18.68 -27.28
N GLU A 61 -10.84 19.55 -27.19
CA GLU A 61 -9.60 19.16 -26.51
C GLU A 61 -9.88 18.96 -25.03
N GLN A 62 -10.74 19.82 -24.45
CA GLN A 62 -11.01 19.70 -22.99
C GLN A 62 -11.77 18.40 -22.71
N LEU A 63 -12.73 18.12 -23.56
CA LEU A 63 -13.54 16.91 -23.35
C LEU A 63 -12.69 15.65 -23.39
N ALA A 64 -11.82 15.55 -24.40
CA ALA A 64 -10.91 14.42 -24.51
C ALA A 64 -10.00 14.31 -23.29
N THR A 65 -9.52 15.45 -22.79
CA THR A 65 -8.65 15.45 -21.62
C THR A 65 -9.40 14.87 -20.42
N MET A 66 -10.63 15.37 -20.19
CA MET A 66 -11.42 14.90 -19.09
C MET A 66 -11.68 13.40 -19.22
N ARG A 67 -12.02 12.94 -20.43
CA ARG A 67 -12.38 11.53 -20.57
C ARG A 67 -11.16 10.62 -20.45
N VAL A 68 -10.06 10.93 -21.11
CA VAL A 68 -8.87 10.08 -20.99
C VAL A 68 -8.41 10.03 -19.55
N PHE A 69 -8.31 11.21 -18.90
CA PHE A 69 -7.79 11.18 -17.53
C PHE A 69 -8.75 10.50 -16.56
N THR A 70 -10.06 10.56 -16.75
CA THR A 70 -10.97 9.86 -15.84
C THR A 70 -10.84 8.35 -16.06
N GLY A 71 -10.67 7.93 -17.33
CA GLY A 71 -10.43 6.49 -17.50
C GLY A 71 -9.12 6.05 -16.85
N LEU A 72 -8.05 6.87 -16.93
CA LEU A 72 -6.82 6.54 -16.22
C LEU A 72 -7.05 6.51 -14.71
N THR A 73 -7.86 7.44 -14.20
CA THR A 73 -8.19 7.43 -12.77
C THR A 73 -8.83 6.11 -12.38
N LEU A 74 -9.78 5.63 -13.19
CA LEU A 74 -10.44 4.36 -12.93
C LEU A 74 -9.40 3.26 -12.88
N LEU A 75 -8.51 3.25 -13.87
CA LEU A 75 -7.54 2.15 -13.90
C LEU A 75 -6.66 2.15 -12.66
N ASP A 76 -6.24 3.33 -12.23
CA ASP A 76 -5.36 3.27 -11.03
C ASP A 76 -6.14 3.16 -9.74
N THR A 77 -7.45 3.48 -9.76
CA THR A 77 -8.25 3.13 -8.57
C THR A 77 -8.27 1.62 -8.39
N ILE A 78 -8.48 0.91 -9.50
CA ILE A 78 -8.46 -0.54 -9.52
C ILE A 78 -7.10 -1.09 -9.14
N GLN A 79 -6.08 -0.52 -9.78
CA GLN A 79 -4.73 -1.09 -9.55
C GLN A 79 -4.26 -0.91 -8.12
N GLY A 80 -4.57 0.24 -7.49
CA GLY A 80 -4.13 0.49 -6.12
C GLY A 80 -4.96 -0.20 -5.08
N THR A 81 -6.25 -0.42 -5.26
CA THR A 81 -7.07 -0.97 -4.20
C THR A 81 -7.44 -2.42 -4.43
N VAL A 82 -7.21 -2.92 -5.66
CA VAL A 82 -7.49 -4.32 -5.95
C VAL A 82 -6.30 -5.04 -6.57
N GLY A 83 -5.69 -4.45 -7.60
CA GLY A 83 -4.70 -5.19 -8.35
C GLY A 83 -3.44 -5.53 -7.65
N ALA A 84 -2.69 -4.49 -7.25
CA ALA A 84 -1.42 -4.75 -6.58
C ALA A 84 -1.65 -5.61 -5.35
N ILE A 85 -2.73 -5.33 -4.65
CA ILE A 85 -3.07 -6.08 -3.43
C ILE A 85 -3.31 -7.55 -3.73
N SER A 86 -3.87 -7.86 -4.88
CA SER A 86 -4.13 -9.26 -5.26
C SER A 86 -2.84 -10.03 -5.50
N LEU A 87 -1.73 -9.32 -5.78
CA LEU A 87 -0.47 -10.03 -6.05
C LEU A 87 0.25 -10.45 -4.79
N LEU A 88 -0.09 -9.80 -3.65
CA LEU A 88 0.66 -10.09 -2.42
C LEU A 88 0.63 -11.54 -1.95
N PRO A 89 -0.53 -12.16 -1.91
CA PRO A 89 -0.54 -13.52 -1.38
C PRO A 89 0.27 -14.50 -2.22
N ASP A 90 0.59 -14.17 -3.46
CA ASP A 90 1.32 -15.08 -4.33
C ASP A 90 2.81 -14.80 -4.40
N ALA A 91 3.33 -13.86 -3.62
CA ALA A 91 4.71 -13.37 -3.75
C ALA A 91 5.74 -14.44 -3.47
N GLU A 92 6.85 -14.47 -4.20
CA GLU A 92 7.90 -15.47 -3.91
C GLU A 92 8.74 -15.06 -2.71
N THR A 93 8.83 -13.76 -2.43
CA THR A 93 9.63 -13.31 -1.31
C THR A 93 8.86 -12.29 -0.48
N MET A 94 9.23 -12.14 0.78
CA MET A 94 8.62 -11.11 1.59
C MET A 94 8.99 -9.70 1.09
N HIS A 95 10.17 -9.52 0.46
CA HIS A 95 10.56 -8.22 -0.05
C HIS A 95 9.66 -7.82 -1.23
N GLU A 96 9.26 -8.79 -2.02
CA GLU A 96 8.29 -8.56 -3.10
C GLU A 96 6.95 -8.10 -2.56
N GLU A 97 6.50 -8.73 -1.44
CA GLU A 97 5.28 -8.22 -0.81
C GLU A 97 5.44 -6.75 -0.42
N ALA A 98 6.58 -6.36 0.15
CA ALA A 98 6.79 -4.97 0.52
C ALA A 98 6.70 -4.06 -0.69
N VAL A 99 7.30 -4.48 -1.79
CA VAL A 99 7.21 -3.71 -3.01
C VAL A 99 5.76 -3.51 -3.43
N TYR A 100 4.95 -4.56 -3.38
CA TYR A 100 3.56 -4.33 -3.76
C TYR A 100 2.84 -3.34 -2.83
N THR A 101 3.22 -3.22 -1.56
CA THR A 101 2.56 -2.17 -0.74
C THR A 101 2.98 -0.79 -1.25
N ASN A 102 4.22 -0.62 -1.69
CA ASN A 102 4.56 0.69 -2.29
C ASN A 102 3.75 0.93 -3.56
N ILE A 103 3.68 -0.09 -4.44
CA ILE A 103 2.95 0.12 -5.70
C ILE A 103 1.52 0.47 -5.41
N ALA A 104 0.85 -0.21 -4.48
CA ALA A 104 -0.55 0.12 -4.16
C ALA A 104 -0.71 1.57 -3.74
N PHE A 105 0.16 2.01 -2.82
CA PHE A 105 0.15 3.42 -2.42
C PHE A 105 0.37 4.33 -3.61
N MET A 106 1.39 4.06 -4.43
CA MET A 106 1.66 5.02 -5.49
C MET A 106 0.53 5.00 -6.52
N GLU A 107 -0.17 3.87 -6.70
CA GLU A 107 -1.35 3.96 -7.60
C GLU A 107 -2.40 4.90 -7.04
N SER A 108 -2.54 4.96 -5.70
CA SER A 108 -3.46 5.97 -5.13
C SER A 108 -2.95 7.38 -5.37
N VAL A 109 -1.61 7.57 -5.33
CA VAL A 109 -1.06 8.88 -5.66
C VAL A 109 -1.39 9.25 -7.10
N HIS A 110 -1.20 8.31 -8.03
CA HIS A 110 -1.50 8.54 -9.43
C HIS A 110 -2.97 8.93 -9.60
N ALA A 111 -3.86 8.15 -8.95
CA ALA A 111 -5.27 8.46 -9.11
C ALA A 111 -5.61 9.85 -8.59
N LYS A 112 -5.08 10.18 -7.42
CA LYS A 112 -5.35 11.50 -6.83
C LYS A 112 -4.82 12.61 -7.73
N SER A 113 -3.73 12.35 -8.44
CA SER A 113 -3.10 13.35 -9.30
C SER A 113 -4.06 13.86 -10.34
N TYR A 114 -4.85 12.95 -10.93
CA TYR A 114 -5.85 13.39 -11.92
C TYR A 114 -6.88 14.31 -11.29
N SER A 115 -7.30 14.04 -10.03
CA SER A 115 -8.21 14.99 -9.37
C SER A 115 -7.51 16.32 -9.12
N ASN A 116 -6.22 16.32 -8.79
CA ASN A 116 -5.55 17.60 -8.57
C ASN A 116 -5.59 18.43 -9.87
N ILE A 117 -5.33 17.77 -11.00
CA ILE A 117 -5.38 18.45 -12.31
C ILE A 117 -6.78 18.96 -12.57
N PHE A 118 -7.81 18.12 -12.39
CA PHE A 118 -9.20 18.53 -12.64
C PHE A 118 -9.61 19.66 -11.72
N MET A 119 -9.30 19.55 -10.43
CA MET A 119 -9.77 20.56 -9.49
C MET A 119 -9.11 21.89 -9.75
N THR A 120 -7.92 21.87 -10.31
CA THR A 120 -7.21 23.11 -10.62
C THR A 120 -7.71 23.75 -11.92
N LEU A 121 -7.94 22.94 -12.94
CA LEU A 121 -8.21 23.44 -14.30
C LEU A 121 -9.67 23.40 -14.73
N ALA A 122 -10.40 22.35 -14.37
CA ALA A 122 -11.73 22.11 -14.94
C ALA A 122 -12.85 22.70 -14.09
N SER A 123 -14.03 22.77 -14.69
CA SER A 123 -15.18 23.26 -13.95
C SER A 123 -15.85 22.13 -13.17
N THR A 124 -16.62 22.46 -12.15
CA THR A 124 -17.28 21.39 -11.42
C THR A 124 -18.24 20.56 -12.27
N PRO A 125 -19.00 21.11 -13.19
CA PRO A 125 -19.85 20.24 -14.03
C PRO A 125 -19.02 19.32 -14.92
N GLN A 126 -17.89 19.85 -15.43
CA GLN A 126 -17.01 19.05 -16.26
C GLN A 126 -16.53 17.81 -15.51
N ILE A 127 -16.16 18.04 -14.26
CA ILE A 127 -15.68 16.91 -13.46
C ILE A 127 -16.81 15.94 -13.21
N ASN A 128 -17.97 16.43 -12.78
CA ASN A 128 -19.07 15.49 -12.54
C ASN A 128 -19.46 14.74 -13.80
N GLU A 129 -19.53 15.46 -14.92
CA GLU A 129 -19.87 14.81 -16.20
C GLU A 129 -18.89 13.69 -16.48
N ALA A 130 -17.62 13.91 -16.21
CA ALA A 130 -16.61 12.92 -16.57
C ALA A 130 -16.73 11.68 -15.70
N PHE A 131 -16.93 11.85 -14.39
CA PHE A 131 -17.07 10.66 -13.55
C PHE A 131 -18.36 9.93 -13.90
N ARG A 132 -19.49 10.63 -14.13
CA ARG A 132 -20.65 9.84 -14.53
C ARG A 132 -20.42 9.12 -15.87
N TRP A 133 -19.75 9.80 -16.81
CA TRP A 133 -19.49 9.20 -18.12
C TRP A 133 -18.69 7.92 -17.90
N SER A 134 -17.72 7.94 -17.00
CA SER A 134 -16.83 6.78 -16.87
C SER A 134 -17.60 5.55 -16.35
N GLU A 135 -18.64 5.80 -15.55
CA GLU A 135 -19.44 4.72 -14.95
C GLU A 135 -20.32 4.08 -16.00
N GLU A 136 -20.65 4.79 -17.09
CA GLU A 136 -21.56 4.28 -18.11
C GLU A 136 -20.87 3.91 -19.41
N ASN A 137 -19.59 4.27 -19.60
CA ASN A 137 -18.99 4.00 -20.92
C ASN A 137 -18.75 2.52 -21.10
N GLU A 138 -19.28 1.92 -22.15
CA GLU A 138 -19.22 0.47 -22.24
C GLU A 138 -17.79 -0.04 -22.44
N ASN A 139 -16.93 0.63 -23.21
CA ASN A 139 -15.60 0.08 -23.39
C ASN A 139 -14.76 0.24 -22.12
N LEU A 140 -14.96 1.36 -21.39
CA LEU A 140 -14.15 1.53 -20.17
C LEU A 140 -14.63 0.53 -19.12
N GLN A 141 -15.95 0.35 -18.99
CA GLN A 141 -16.41 -0.67 -18.03
C GLN A 141 -15.98 -2.07 -18.40
N ARG A 142 -15.98 -2.39 -19.70
CA ARG A 142 -15.57 -3.72 -20.14
C ARG A 142 -14.12 -3.98 -19.83
N LYS A 143 -13.22 -3.03 -20.16
CA LYS A 143 -11.78 -3.31 -19.91
C LYS A 143 -11.56 -3.43 -18.40
N ALA A 144 -12.20 -2.62 -17.59
CA ALA A 144 -12.05 -2.70 -16.14
C ALA A 144 -12.47 -4.04 -15.61
N LYS A 145 -13.66 -4.47 -16.03
CA LYS A 145 -14.21 -5.73 -15.49
C LYS A 145 -13.47 -6.94 -16.01
N ILE A 146 -12.96 -6.91 -17.22
CA ILE A 146 -12.14 -8.04 -17.67
C ILE A 146 -10.89 -8.18 -16.79
N ILE A 147 -10.20 -7.07 -16.52
CA ILE A 147 -9.00 -7.14 -15.68
C ILE A 147 -9.35 -7.57 -14.25
N MET A 148 -10.42 -6.97 -13.72
CA MET A 148 -10.82 -7.37 -12.36
C MET A 148 -11.22 -8.83 -12.23
N SER A 149 -11.72 -9.43 -13.31
CA SER A 149 -12.11 -10.82 -13.23
C SER A 149 -10.88 -11.66 -12.88
N TYR A 150 -9.71 -11.29 -13.43
CA TYR A 150 -8.49 -12.05 -13.09
C TYR A 150 -8.00 -11.74 -11.69
N TYR A 151 -8.02 -10.49 -11.26
CA TYR A 151 -7.64 -10.18 -9.85
C TYR A 151 -8.47 -10.96 -8.85
N ASN A 152 -9.74 -11.17 -9.25
CA ASN A 152 -10.65 -11.81 -8.30
C ASN A 152 -10.66 -13.32 -8.43
N GLY A 153 -9.89 -13.86 -9.37
CA GLY A 153 -9.82 -15.29 -9.58
C GLY A 153 -8.74 -15.96 -8.75
N ASP A 154 -8.44 -17.22 -9.10
CA ASP A 154 -7.54 -17.99 -8.26
C ASP A 154 -6.25 -18.34 -8.97
N ASP A 155 -5.92 -17.68 -10.07
CA ASP A 155 -4.73 -18.08 -10.84
C ASP A 155 -3.70 -17.00 -10.68
N PRO A 156 -2.68 -17.22 -9.87
CA PRO A 156 -1.71 -16.15 -9.64
C PRO A 156 -1.07 -15.62 -10.92
N LEU A 157 -0.75 -16.49 -11.88
CA LEU A 157 -0.04 -16.02 -13.07
C LEU A 157 -0.94 -15.14 -13.91
N LYS A 158 -2.24 -15.51 -13.95
CA LYS A 158 -3.16 -14.67 -14.74
C LYS A 158 -3.31 -13.29 -14.10
N LYS A 159 -3.24 -13.20 -12.78
CA LYS A 159 -3.27 -11.84 -12.18
C LYS A 159 -2.11 -10.99 -12.67
N LYS A 160 -0.92 -11.60 -12.81
CA LYS A 160 0.25 -10.83 -13.25
C LYS A 160 0.13 -10.50 -14.73
N VAL A 161 -0.40 -11.39 -15.56
CA VAL A 161 -0.66 -10.99 -16.95
C VAL A 161 -1.61 -9.80 -16.98
N ALA A 162 -2.73 -9.91 -16.25
CA ALA A 162 -3.75 -8.86 -16.28
C ALA A 162 -3.13 -7.53 -15.85
N SER A 163 -2.35 -7.59 -14.78
CA SER A 163 -1.71 -6.37 -14.25
C SER A 163 -0.78 -5.75 -15.28
N THR A 164 0.07 -6.55 -15.94
CA THR A 164 1.03 -6.04 -16.90
C THR A 164 0.29 -5.51 -18.12
N LEU A 165 -0.82 -6.16 -18.52
CA LEU A 165 -1.54 -5.57 -19.67
C LEU A 165 -2.20 -4.27 -19.22
N LEU A 166 -2.68 -4.19 -17.99
CA LEU A 166 -3.26 -2.93 -17.53
C LEU A 166 -2.20 -1.85 -17.57
N GLU A 167 -1.02 -2.14 -17.03
CA GLU A 167 -0.03 -1.10 -16.88
C GLU A 167 0.62 -0.74 -18.20
N SER A 168 1.14 -1.75 -18.86
CA SER A 168 2.00 -1.54 -20.03
C SER A 168 1.23 -1.27 -21.32
N PHE A 169 -0.04 -1.69 -21.35
CA PHE A 169 -0.86 -1.47 -22.54
C PHE A 169 -1.96 -0.47 -22.28
N LEU A 170 -2.87 -0.75 -21.34
CA LEU A 170 -4.02 0.16 -21.17
C LEU A 170 -3.64 1.55 -20.66
N PHE A 171 -2.87 1.59 -19.57
CA PHE A 171 -2.50 2.86 -18.94
C PHE A 171 -1.56 3.63 -19.83
N TYR A 172 -0.53 2.94 -20.36
CA TYR A 172 0.45 3.65 -21.18
C TYR A 172 -0.17 4.33 -22.40
N SER A 173 -1.21 3.65 -22.93
CA SER A 173 -1.83 4.23 -24.13
C SER A 173 -2.51 5.53 -23.77
N GLY A 174 -2.95 5.71 -22.52
CA GLY A 174 -3.58 6.95 -22.12
C GLY A 174 -2.61 8.11 -22.05
N PHE A 175 -1.30 7.83 -22.06
CA PHE A 175 -0.33 8.90 -22.00
C PHE A 175 -0.25 9.66 -23.33
N TYR A 176 -0.90 9.16 -24.38
CA TYR A 176 -0.78 9.87 -25.65
C TYR A 176 -1.23 11.33 -25.49
N LEU A 177 -2.43 11.52 -24.94
CA LEU A 177 -3.02 12.88 -24.98
C LEU A 177 -2.13 13.87 -24.25
N PRO A 178 -1.70 13.63 -23.02
CA PRO A 178 -0.86 14.68 -22.39
C PRO A 178 0.45 14.89 -23.12
N MET A 179 1.03 13.85 -23.70
CA MET A 179 2.30 14.02 -24.42
C MET A 179 2.07 14.80 -25.70
N TYR A 180 0.95 14.57 -26.40
CA TYR A 180 0.66 15.34 -27.62
C TYR A 180 0.53 16.81 -27.25
N LEU A 181 -0.34 17.06 -26.26
CA LEU A 181 -0.57 18.45 -25.90
C LEU A 181 0.71 19.15 -25.51
N SER A 182 1.53 18.46 -24.73
CA SER A 182 2.80 19.05 -24.27
C SER A 182 3.75 19.34 -25.42
N SER A 183 3.79 18.47 -26.43
CA SER A 183 4.58 18.66 -27.64
C SER A 183 4.07 19.86 -28.44
N ARG A 184 2.86 20.34 -28.21
CA ARG A 184 2.25 21.51 -28.81
C ARG A 184 2.24 22.66 -27.80
N ALA A 185 3.00 22.55 -26.71
CA ALA A 185 3.22 23.55 -25.65
C ALA A 185 1.97 23.81 -24.80
N LYS A 186 1.05 22.85 -24.73
CA LYS A 186 -0.19 22.98 -23.97
C LYS A 186 -0.15 22.08 -22.75
N LEU A 187 -0.70 22.53 -21.62
CA LEU A 187 -0.70 21.77 -20.36
C LEU A 187 0.67 21.18 -20.05
N THR A 188 1.70 22.03 -20.15
CA THR A 188 3.05 21.48 -19.94
C THR A 188 3.32 21.15 -18.47
N ASN A 189 2.72 21.85 -17.51
CA ASN A 189 2.93 21.47 -16.11
C ASN A 189 2.20 20.17 -15.81
N THR A 190 0.99 20.00 -16.33
CA THR A 190 0.26 18.74 -16.22
C THR A 190 1.09 17.59 -16.76
N ALA A 191 1.75 17.81 -17.91
CA ALA A 191 2.65 16.77 -18.46
C ALA A 191 3.81 16.44 -17.52
N ASP A 192 4.26 17.35 -16.67
CA ASP A 192 5.28 16.93 -15.69
C ASP A 192 4.73 15.98 -14.65
N ILE A 193 3.46 16.10 -14.23
CA ILE A 193 2.84 15.08 -13.38
C ILE A 193 2.81 13.77 -14.13
N ILE A 194 2.37 13.85 -15.40
CA ILE A 194 2.30 12.59 -16.14
C ILE A 194 3.66 11.92 -16.29
N ARG A 195 4.73 12.72 -16.48
CA ARG A 195 6.05 12.08 -16.55
C ARG A 195 6.44 11.39 -15.26
N LEU A 196 6.00 11.91 -14.10
CA LEU A 196 6.30 11.19 -12.84
C LEU A 196 5.52 9.88 -12.80
N ILE A 197 4.29 9.91 -13.32
CA ILE A 197 3.53 8.65 -13.40
C ILE A 197 4.17 7.64 -14.31
N ILE A 198 4.64 8.10 -15.48
CA ILE A 198 5.33 7.20 -16.40
C ILE A 198 6.57 6.63 -15.75
N ARG A 199 7.30 7.42 -14.98
CA ARG A 199 8.54 6.93 -14.33
C ARG A 199 8.23 5.75 -13.43
N ASP A 200 7.05 5.77 -12.80
CA ASP A 200 6.59 4.64 -11.96
C ASP A 200 6.04 3.49 -12.81
N GLU A 201 5.14 3.79 -13.76
CA GLU A 201 4.51 2.71 -14.51
C GLU A 201 5.53 1.86 -15.27
N SER A 202 6.60 2.52 -15.76
CA SER A 202 7.63 1.81 -16.48
C SER A 202 8.23 0.71 -15.62
N VAL A 203 8.54 1.03 -14.36
CA VAL A 203 9.06 0.04 -13.40
C VAL A 203 8.03 -0.99 -13.00
N HIS A 204 6.78 -0.59 -12.72
CA HIS A 204 5.74 -1.55 -12.33
C HIS A 204 5.61 -2.66 -13.36
N GLY A 205 5.49 -2.27 -14.65
CA GLY A 205 5.23 -3.30 -15.65
C GLY A 205 6.46 -4.19 -15.87
N TYR A 206 7.64 -3.60 -15.80
CA TYR A 206 8.86 -4.41 -15.86
C TYR A 206 8.89 -5.43 -14.74
N TYR A 207 8.59 -4.99 -13.52
CA TYR A 207 8.82 -5.85 -12.37
C TYR A 207 7.76 -6.93 -12.30
N ILE A 208 6.49 -6.58 -12.46
CA ILE A 208 5.47 -7.63 -12.37
C ILE A 208 5.61 -8.57 -13.55
N GLY A 209 5.98 -8.06 -14.73
CA GLY A 209 6.29 -8.94 -15.85
C GLY A 209 7.44 -9.90 -15.59
N TYR A 210 8.46 -9.40 -14.93
CA TYR A 210 9.61 -10.20 -14.49
C TYR A 210 9.16 -11.35 -13.60
N LYS A 211 8.36 -11.03 -12.60
CA LYS A 211 7.83 -12.06 -11.71
C LYS A 211 6.96 -13.04 -12.48
N TYR A 212 6.18 -12.58 -13.46
CA TYR A 212 5.44 -13.53 -14.28
C TYR A 212 6.39 -14.46 -15.01
N GLN A 213 7.42 -13.87 -15.64
CA GLN A 213 8.35 -14.73 -16.41
C GLN A 213 8.98 -15.78 -15.51
N GLN A 214 9.36 -15.37 -14.29
CA GLN A 214 9.99 -16.33 -13.38
C GLN A 214 9.04 -17.45 -13.01
N GLY A 215 7.75 -17.10 -12.82
CA GLY A 215 6.76 -18.12 -12.49
C GLY A 215 6.44 -19.06 -13.64
N VAL A 216 6.29 -18.56 -14.86
CA VAL A 216 5.90 -19.48 -15.92
C VAL A 216 7.07 -20.36 -16.34
N LYS A 217 8.29 -19.90 -16.12
CA LYS A 217 9.44 -20.74 -16.37
C LYS A 217 9.46 -21.99 -15.51
N LYS A 218 8.73 -21.96 -14.42
CA LYS A 218 8.81 -23.13 -13.54
C LYS A 218 7.89 -24.26 -13.99
N LEU A 219 7.17 -24.04 -15.09
CA LEU A 219 6.11 -24.89 -15.58
C LEU A 219 6.59 -25.71 -16.77
N SER A 220 5.84 -26.77 -17.08
CA SER A 220 6.19 -27.60 -18.21
C SER A 220 6.02 -26.81 -19.51
N GLU A 221 6.58 -27.34 -20.59
CA GLU A 221 6.40 -26.69 -21.88
C GLU A 221 4.94 -26.54 -22.28
N ALA A 222 4.17 -27.59 -22.01
CA ALA A 222 2.76 -27.60 -22.36
C ALA A 222 2.04 -26.48 -21.63
N GLU A 223 2.27 -26.39 -20.31
CA GLU A 223 1.63 -25.37 -19.51
C GLU A 223 2.13 -24.00 -19.94
N GLN A 224 3.42 -23.86 -20.31
CA GLN A 224 3.87 -22.56 -20.80
C GLN A 224 3.18 -22.17 -22.11
N GLU A 225 3.00 -23.11 -23.03
CA GLU A 225 2.24 -22.74 -24.22
C GLU A 225 0.81 -22.35 -23.88
N GLU A 226 0.18 -22.98 -22.90
CA GLU A 226 -1.18 -22.61 -22.53
C GLU A 226 -1.26 -21.17 -22.00
N TYR A 227 -0.29 -20.78 -21.17
CA TYR A 227 -0.29 -19.41 -20.68
C TYR A 227 0.02 -18.40 -21.79
N LYS A 228 0.87 -18.79 -22.73
CA LYS A 228 1.16 -17.87 -23.84
C LYS A 228 -0.08 -17.69 -24.71
N ALA A 229 -0.78 -18.81 -24.96
CA ALA A 229 -2.00 -18.64 -25.76
C ALA A 229 -3.04 -17.80 -25.04
N TYR A 230 -3.20 -18.02 -23.75
CA TYR A 230 -4.07 -17.20 -22.91
C TYR A 230 -3.72 -15.73 -23.04
N THR A 231 -2.42 -15.45 -22.93
CA THR A 231 -1.94 -14.07 -22.96
C THR A 231 -2.24 -13.39 -24.29
N PHE A 232 -1.92 -14.07 -25.39
CA PHE A 232 -2.19 -13.49 -26.70
C PHE A 232 -3.68 -13.29 -26.96
N ASP A 233 -4.51 -14.25 -26.53
CA ASP A 233 -5.96 -14.07 -26.71
C ASP A 233 -6.47 -12.88 -25.92
N LEU A 234 -6.02 -12.71 -24.67
CA LEU A 234 -6.48 -11.59 -23.85
C LEU A 234 -5.94 -10.29 -24.39
N MET A 235 -4.67 -10.29 -24.80
CA MET A 235 -4.16 -9.06 -25.42
C MET A 235 -4.98 -8.66 -26.63
N TYR A 236 -5.26 -9.57 -27.58
CA TYR A 236 -6.00 -9.11 -28.76
C TYR A 236 -7.41 -8.69 -28.41
N ASP A 237 -8.04 -9.35 -27.44
CA ASP A 237 -9.37 -8.91 -26.95
C ASP A 237 -9.34 -7.49 -26.41
N LEU A 238 -8.37 -7.22 -25.52
CA LEU A 238 -8.25 -5.86 -24.98
C LEU A 238 -7.93 -4.84 -26.08
N TYR A 239 -7.13 -5.22 -27.05
CA TYR A 239 -6.75 -4.38 -28.18
C TYR A 239 -7.99 -4.01 -28.98
N GLU A 240 -8.82 -5.02 -29.29
CA GLU A 240 -10.00 -4.65 -30.09
C GLU A 240 -10.88 -3.68 -29.35
N ASN A 241 -11.06 -3.93 -28.04
CA ASN A 241 -11.85 -3.03 -27.20
C ASN A 241 -11.19 -1.64 -27.16
N GLU A 242 -9.86 -1.62 -27.12
CA GLU A 242 -9.19 -0.32 -27.07
C GLU A 242 -9.28 0.42 -28.38
N ILE A 243 -9.35 -0.29 -29.50
CA ILE A 243 -9.52 0.39 -30.81
C ILE A 243 -10.82 1.19 -30.82
N GLU A 244 -11.90 0.55 -30.34
CA GLU A 244 -13.20 1.21 -30.29
C GLU A 244 -13.16 2.40 -29.33
N TYR A 245 -12.58 2.21 -28.15
CA TYR A 245 -12.42 3.30 -27.21
C TYR A 245 -11.67 4.49 -27.83
N THR A 246 -10.61 4.13 -28.56
CA THR A 246 -9.76 5.15 -29.15
C THR A 246 -10.47 5.97 -30.23
N GLU A 247 -11.20 5.26 -31.10
CA GLU A 247 -12.03 5.92 -32.12
C GLU A 247 -12.98 6.88 -31.43
N ASP A 248 -13.67 6.43 -30.37
CA ASP A 248 -14.63 7.35 -29.75
C ASP A 248 -14.03 8.58 -29.10
N ILE A 249 -12.86 8.42 -28.49
CA ILE A 249 -12.22 9.52 -27.80
C ILE A 249 -11.56 10.47 -28.79
N TYR A 250 -10.92 9.94 -29.84
CA TYR A 250 -10.01 10.79 -30.62
C TYR A 250 -10.45 11.14 -32.03
N ASP A 251 -11.56 10.57 -32.50
CA ASP A 251 -11.96 10.86 -33.89
C ASP A 251 -12.22 12.32 -34.14
N ASP A 252 -12.92 12.99 -33.21
CA ASP A 252 -13.24 14.40 -33.48
C ASP A 252 -11.96 15.24 -33.61
N LEU A 253 -11.00 14.99 -32.73
CA LEU A 253 -9.75 15.72 -32.71
C LEU A 253 -8.89 15.40 -33.93
N GLY A 254 -9.06 14.17 -34.43
CA GLY A 254 -8.32 13.69 -35.57
C GLY A 254 -6.98 13.06 -35.23
N TRP A 255 -6.79 12.56 -34.01
CA TRP A 255 -5.53 11.98 -33.59
C TRP A 255 -5.56 10.46 -33.70
N THR A 256 -6.70 9.90 -34.05
CA THR A 256 -6.91 8.44 -33.98
C THR A 256 -5.85 7.59 -34.65
N GLU A 257 -5.45 7.91 -35.88
CA GLU A 257 -4.47 7.01 -36.52
C GLU A 257 -3.15 6.88 -35.78
N ASP A 258 -2.60 7.97 -35.28
CA ASP A 258 -1.34 7.93 -34.54
C ASP A 258 -1.53 7.26 -33.17
N VAL A 259 -2.70 7.48 -32.54
CA VAL A 259 -2.95 6.79 -31.27
C VAL A 259 -2.99 5.28 -31.53
N LYS A 260 -3.58 4.86 -32.64
CA LYS A 260 -3.63 3.40 -32.92
C LYS A 260 -2.24 2.83 -33.11
N ARG A 261 -1.32 3.61 -33.73
CA ARG A 261 0.06 3.11 -33.80
C ARG A 261 0.67 2.96 -32.42
N PHE A 262 0.34 3.89 -31.55
CA PHE A 262 0.83 3.83 -30.16
C PHE A 262 0.23 2.64 -29.43
N LEU A 263 -1.04 2.28 -29.70
CA LEU A 263 -1.64 1.07 -29.12
C LEU A 263 -0.80 -0.15 -29.46
N ARG A 264 -0.42 -0.30 -30.72
CA ARG A 264 0.34 -1.48 -31.10
C ARG A 264 1.74 -1.42 -30.52
N TYR A 265 2.29 -0.20 -30.46
CA TYR A 265 3.61 -0.06 -29.82
C TYR A 265 3.57 -0.58 -28.39
N ASN A 266 2.58 -0.09 -27.64
CA ASN A 266 2.43 -0.49 -26.24
C ASN A 266 2.01 -1.94 -26.06
N ALA A 267 1.22 -2.52 -26.96
CA ALA A 267 0.89 -3.95 -26.91
C ALA A 267 2.15 -4.80 -27.01
N ASN A 268 3.02 -4.44 -27.96
CA ASN A 268 4.27 -5.22 -28.10
C ASN A 268 5.14 -5.04 -26.88
N LYS A 269 5.17 -3.84 -26.31
CA LYS A 269 6.02 -3.66 -25.10
C LYS A 269 5.46 -4.45 -23.94
N ALA A 270 4.13 -4.47 -23.75
CA ALA A 270 3.52 -5.25 -22.66
C ALA A 270 3.82 -6.72 -22.82
N LEU A 271 3.69 -7.25 -24.06
CA LEU A 271 4.06 -8.66 -24.27
C LEU A 271 5.55 -8.89 -24.00
N ASN A 272 6.41 -7.94 -24.37
CA ASN A 272 7.87 -8.08 -24.13
C ASN A 272 8.11 -8.17 -22.62
N ASN A 273 7.40 -7.35 -21.84
CA ASN A 273 7.53 -7.37 -20.39
C ASN A 273 7.14 -8.74 -19.83
N LEU A 274 6.30 -9.48 -20.52
CA LEU A 274 5.88 -10.83 -20.11
C LEU A 274 6.74 -11.92 -20.72
N GLY A 275 7.76 -11.56 -21.47
CA GLY A 275 8.69 -12.56 -22.03
C GLY A 275 8.34 -13.01 -23.42
N TYR A 276 7.40 -12.36 -24.10
CA TYR A 276 6.93 -12.81 -25.39
C TYR A 276 7.23 -11.85 -26.53
N GLU A 277 7.35 -12.37 -27.74
CA GLU A 277 7.44 -11.51 -28.92
C GLU A 277 6.11 -10.81 -29.19
N GLY A 278 6.11 -9.79 -30.06
CA GLY A 278 4.93 -8.94 -30.21
C GLY A 278 3.88 -9.54 -31.11
N LEU A 279 2.64 -9.07 -30.99
CA LEU A 279 1.55 -9.48 -31.85
C LEU A 279 1.52 -8.68 -33.17
N PHE A 280 2.25 -7.55 -33.18
CA PHE A 280 2.27 -6.69 -34.35
C PHE A 280 3.64 -6.59 -34.95
N PRO A 281 3.78 -6.57 -36.27
CA PRO A 281 5.09 -6.28 -36.85
C PRO A 281 5.54 -4.92 -36.35
N THR A 282 6.85 -4.75 -36.20
CA THR A 282 7.36 -3.46 -35.67
C THR A 282 6.97 -2.28 -36.54
N ASP A 283 6.83 -2.48 -37.86
CA ASP A 283 6.52 -1.32 -38.72
C ASP A 283 5.06 -0.84 -38.58
N GLU A 284 4.25 -1.56 -37.79
CA GLU A 284 2.89 -1.13 -37.50
C GLU A 284 2.83 -0.31 -36.21
N THR A 285 3.99 -0.02 -35.63
CA THR A 285 4.06 0.63 -34.32
C THR A 285 4.74 2.01 -34.37
N LYS A 286 4.82 2.61 -35.55
CA LYS A 286 5.55 3.87 -35.70
C LYS A 286 4.76 5.07 -35.19
N VAL A 287 4.52 5.15 -33.90
CA VAL A 287 3.90 6.38 -33.34
C VAL A 287 4.82 7.57 -33.62
N SER A 288 4.26 8.76 -33.81
CA SER A 288 5.08 9.89 -34.26
C SER A 288 6.21 10.15 -33.28
N PRO A 289 7.39 10.42 -33.82
CA PRO A 289 8.57 10.71 -33.01
C PRO A 289 8.32 11.67 -31.86
N ALA A 290 7.56 12.75 -32.07
CA ALA A 290 7.30 13.72 -31.00
C ALA A 290 6.79 13.04 -29.75
N ILE A 291 5.83 12.13 -29.98
CA ILE A 291 5.25 11.50 -28.81
C ILE A 291 6.27 10.66 -28.07
N LEU A 292 7.00 9.83 -28.83
CA LEU A 292 7.99 8.97 -28.19
C LEU A 292 9.00 9.79 -27.39
N SER A 293 9.38 10.93 -27.96
CA SER A 293 10.47 11.62 -27.26
C SER A 293 9.91 12.34 -26.04
N SER A 294 8.72 12.93 -26.16
CA SER A 294 8.26 13.74 -25.01
C SER A 294 7.90 12.83 -23.84
N LEU A 295 7.71 11.56 -24.16
CA LEU A 295 7.45 10.48 -23.24
C LEU A 295 8.65 10.25 -22.34
N SER A 296 9.50 9.34 -22.81
CA SER A 296 10.80 9.09 -22.18
C SER A 296 10.66 8.86 -20.68
N SER B 1 -17.64 -16.69 -26.46
CA SER B 1 -17.48 -17.08 -25.05
C SER B 1 -16.07 -16.84 -24.50
N ASN B 2 -16.07 -16.24 -23.32
CA ASN B 2 -14.83 -15.82 -22.67
C ASN B 2 -14.87 -16.27 -21.20
N GLU B 3 -13.64 -16.46 -20.72
CA GLU B 3 -13.44 -16.97 -19.37
C GLU B 3 -14.05 -16.00 -18.37
N TYR B 4 -14.13 -14.71 -18.71
CA TYR B 4 -14.62 -13.68 -17.78
C TYR B 4 -16.11 -13.41 -17.88
N ASP B 5 -16.82 -14.11 -18.74
CA ASP B 5 -18.25 -13.89 -18.94
C ASP B 5 -19.05 -14.04 -17.64
N GLU B 6 -18.81 -15.12 -16.89
CA GLU B 6 -19.66 -15.28 -15.70
C GLU B 6 -19.34 -14.18 -14.69
N TYR B 7 -18.06 -13.84 -14.52
CA TYR B 7 -17.71 -12.70 -13.65
C TYR B 7 -18.50 -11.46 -14.05
N ILE B 8 -18.40 -11.04 -15.31
CA ILE B 8 -19.12 -9.82 -15.72
C ILE B 8 -20.63 -9.93 -15.51
N ALA B 9 -21.22 -11.09 -15.79
CA ALA B 9 -22.66 -11.26 -15.60
C ALA B 9 -23.07 -11.09 -14.14
N ASN B 10 -22.16 -11.42 -13.23
CA ASN B 10 -22.47 -11.38 -11.82
C ASN B 10 -22.06 -10.04 -11.18
N HIS B 11 -21.49 -9.12 -11.96
CA HIS B 11 -20.99 -7.84 -11.49
C HIS B 11 -21.51 -6.75 -12.41
N THR B 12 -22.82 -6.49 -12.28
CA THR B 12 -23.33 -5.54 -13.26
C THR B 12 -23.11 -4.12 -12.77
N ASP B 13 -22.86 -3.80 -11.50
CA ASP B 13 -22.70 -2.39 -11.15
C ASP B 13 -21.41 -1.86 -11.79
N PRO B 14 -21.37 -0.55 -12.02
CA PRO B 14 -20.17 0.06 -12.55
C PRO B 14 -18.99 -0.05 -11.58
N VAL B 15 -17.82 -0.13 -12.21
CA VAL B 15 -16.57 0.07 -11.47
C VAL B 15 -16.37 1.58 -11.33
N LYS B 16 -16.07 2.11 -10.16
CA LYS B 16 -15.95 3.54 -9.95
C LYS B 16 -14.52 4.01 -9.79
N ALA B 17 -14.26 5.19 -10.34
CA ALA B 17 -13.02 5.92 -10.16
C ALA B 17 -13.10 6.83 -8.93
N ILE B 18 -12.02 6.93 -8.17
CA ILE B 18 -12.01 7.84 -7.02
C ILE B 18 -12.01 9.29 -7.49
N ASN B 19 -12.85 10.09 -6.84
CA ASN B 19 -13.06 11.49 -7.17
C ASN B 19 -12.72 12.32 -5.94
N TRP B 20 -11.59 13.04 -5.93
CA TRP B 20 -11.25 13.80 -4.72
C TRP B 20 -11.95 15.15 -4.73
N ASN B 21 -12.79 15.42 -5.75
CA ASN B 21 -13.49 16.73 -5.70
C ASN B 21 -14.72 16.66 -4.81
N VAL B 22 -15.11 15.47 -4.38
CA VAL B 22 -16.24 15.28 -3.49
C VAL B 22 -15.74 14.40 -2.35
N ILE B 23 -15.76 14.93 -1.14
CA ILE B 23 -15.21 14.23 0.01
C ILE B 23 -16.29 14.07 1.09
N PRO B 24 -16.91 12.90 1.18
CA PRO B 24 -17.94 12.66 2.22
C PRO B 24 -17.42 12.83 3.63
N ASP B 25 -16.14 12.53 3.88
CA ASP B 25 -15.60 12.67 5.22
C ASP B 25 -14.28 13.44 5.21
N GLU B 26 -14.28 14.69 5.62
CA GLU B 26 -13.12 15.56 5.58
C GLU B 26 -11.92 14.93 6.27
N LYS B 27 -12.17 14.05 7.24
CA LYS B 27 -11.03 13.47 7.99
C LYS B 27 -10.15 12.61 7.07
N ASP B 28 -10.77 12.02 6.03
CA ASP B 28 -9.97 11.20 5.12
C ASP B 28 -8.89 12.03 4.46
N LEU B 29 -9.25 13.24 4.01
CA LEU B 29 -8.28 14.11 3.36
C LEU B 29 -7.27 14.64 4.36
N GLU B 30 -7.72 15.00 5.56
CA GLU B 30 -6.79 15.50 6.56
C GLU B 30 -5.71 14.45 6.84
N VAL B 31 -6.15 13.19 7.00
CA VAL B 31 -5.21 12.11 7.32
C VAL B 31 -4.35 11.77 6.11
N TRP B 32 -4.89 11.68 4.90
CA TRP B 32 -4.06 11.54 3.72
C TRP B 32 -2.94 12.59 3.66
N ASP B 33 -3.37 13.85 3.82
CA ASP B 33 -2.38 14.93 3.72
C ASP B 33 -1.31 14.81 4.78
N ARG B 34 -1.71 14.50 6.01
CA ARG B 34 -0.76 14.36 7.13
C ARG B 34 0.20 13.21 6.89
N LEU B 35 -0.34 12.03 6.60
CA LEU B 35 0.53 10.87 6.41
C LEU B 35 1.47 10.97 5.21
N THR B 36 0.94 11.46 4.06
CA THR B 36 1.80 11.59 2.89
C THR B 36 2.80 12.72 3.08
N GLY B 37 2.37 13.77 3.79
CA GLY B 37 3.30 14.87 4.02
C GLY B 37 4.41 14.42 4.98
N ASN B 38 4.20 13.35 5.73
CA ASN B 38 5.20 12.88 6.70
C ASN B 38 6.06 11.75 6.12
N PHE B 39 6.00 11.50 4.79
CA PHE B 39 6.82 10.43 4.22
C PHE B 39 8.29 10.55 4.61
N TRP B 40 8.92 9.43 4.91
CA TRP B 40 10.32 9.36 5.27
C TRP B 40 10.81 7.94 4.93
N LEU B 41 12.13 7.82 4.84
CA LEU B 41 12.78 6.49 4.69
C LEU B 41 13.94 6.41 5.69
N PRO B 42 14.25 5.22 6.19
CA PRO B 42 15.22 5.15 7.30
C PRO B 42 16.60 5.65 6.91
N GLU B 43 16.89 5.64 5.60
CA GLU B 43 18.23 6.07 5.21
C GLU B 43 18.45 7.54 5.52
N LYS B 44 17.37 8.29 5.81
CA LYS B 44 17.64 9.71 6.06
C LYS B 44 18.22 9.89 7.45
N ILE B 45 18.28 8.84 8.28
CA ILE B 45 18.85 9.00 9.62
C ILE B 45 20.21 8.34 9.72
N PRO B 46 21.23 9.00 10.27
CA PRO B 46 22.57 8.39 10.29
C PRO B 46 22.79 7.45 11.48
N VAL B 47 22.17 6.27 11.34
CA VAL B 47 22.29 5.26 12.38
C VAL B 47 23.75 4.86 12.61
N SER B 48 24.64 5.04 11.63
CA SER B 48 26.03 4.61 11.82
C SER B 48 26.65 5.40 12.96
N ASN B 49 26.11 6.57 13.32
CA ASN B 49 26.64 7.32 14.46
C ASN B 49 26.31 6.67 15.80
N ASP B 50 25.55 5.56 15.76
CA ASP B 50 25.24 4.83 16.98
C ASP B 50 26.18 3.65 17.22
N ILE B 51 27.17 3.46 16.33
CA ILE B 51 28.06 2.29 16.48
C ILE B 51 28.83 2.36 17.78
N GLN B 52 29.34 3.55 18.11
CA GLN B 52 30.07 3.68 19.37
C GLN B 52 29.22 3.28 20.58
N SER B 53 28.01 3.82 20.70
CA SER B 53 27.22 3.49 21.87
C SER B 53 26.70 2.07 21.84
N TRP B 54 26.37 1.52 20.66
CA TRP B 54 25.98 0.13 20.62
C TRP B 54 27.08 -0.76 21.14
N ASN B 55 28.31 -0.49 20.71
CA ASN B 55 29.40 -1.40 21.06
C ASN B 55 29.65 -1.33 22.56
N LYS B 56 29.23 -0.26 23.21
CA LYS B 56 29.42 -0.10 24.67
C LYS B 56 28.23 -0.64 25.43
N MET B 57 27.13 -0.94 24.75
CA MET B 57 26.03 -1.58 25.47
C MET B 57 26.37 -3.00 25.95
N THR B 58 25.74 -3.39 27.07
CA THR B 58 26.00 -4.71 27.65
C THR B 58 25.35 -5.80 26.81
N PRO B 59 25.79 -7.04 26.94
CA PRO B 59 25.11 -8.15 26.27
C PRO B 59 23.61 -8.18 26.54
N GLN B 60 23.20 -7.98 27.79
CA GLN B 60 21.75 -7.96 28.09
C GLN B 60 21.02 -6.83 27.40
N GLU B 61 21.65 -5.65 27.30
CA GLU B 61 21.03 -4.53 26.62
C GLU B 61 20.91 -4.82 25.12
N GLN B 62 21.93 -5.42 24.53
CA GLN B 62 21.89 -5.66 23.08
C GLN B 62 20.86 -6.75 22.78
N LEU B 63 20.78 -7.78 23.64
CA LEU B 63 19.81 -8.85 23.40
C LEU B 63 18.38 -8.32 23.46
N ALA B 64 18.06 -7.49 24.47
CA ALA B 64 16.73 -6.93 24.55
C ALA B 64 16.42 -6.08 23.31
N THR B 65 17.43 -5.34 22.86
CA THR B 65 17.20 -4.48 21.69
C THR B 65 16.86 -5.35 20.48
N MET B 66 17.62 -6.43 20.27
CA MET B 66 17.38 -7.29 19.10
C MET B 66 16.00 -7.89 19.20
N ARG B 67 15.59 -8.34 20.41
CA ARG B 67 14.31 -9.04 20.48
C ARG B 67 13.16 -8.04 20.40
N VAL B 68 13.22 -6.91 21.13
CA VAL B 68 12.11 -5.94 21.02
C VAL B 68 11.97 -5.52 19.58
N PHE B 69 13.05 -5.17 18.90
CA PHE B 69 12.91 -4.68 17.55
C PHE B 69 12.50 -5.76 16.58
N THR B 70 12.89 -7.01 16.79
CA THR B 70 12.40 -8.04 15.87
C THR B 70 10.92 -8.27 16.09
N GLY B 71 10.43 -8.17 17.32
CA GLY B 71 8.98 -8.24 17.57
C GLY B 71 8.21 -7.14 16.88
N LEU B 72 8.76 -5.92 16.94
CA LEU B 72 8.14 -4.79 16.24
C LEU B 72 8.17 -5.05 14.74
N THR B 73 9.27 -5.55 14.22
CA THR B 73 9.34 -5.84 12.78
C THR B 73 8.23 -6.80 12.40
N LEU B 74 8.02 -7.83 13.22
CA LEU B 74 6.95 -8.81 12.97
C LEU B 74 5.59 -8.14 12.91
N LEU B 75 5.31 -7.31 13.92
CA LEU B 75 4.01 -6.63 13.93
C LEU B 75 3.81 -5.79 12.70
N ASP B 76 4.86 -5.04 12.29
CA ASP B 76 4.58 -4.19 11.10
C ASP B 76 4.68 -4.98 9.81
N THR B 77 5.30 -6.14 9.82
CA THR B 77 5.17 -7.02 8.64
C THR B 77 3.69 -7.41 8.49
N ILE B 78 3.09 -7.82 9.62
CA ILE B 78 1.68 -8.18 9.57
C ILE B 78 0.81 -7.01 9.20
N GLN B 79 1.07 -5.84 9.80
CA GLN B 79 0.18 -4.70 9.63
C GLN B 79 0.25 -4.18 8.19
N GLY B 80 1.41 -4.23 7.54
CA GLY B 80 1.52 -3.74 6.17
C GLY B 80 1.02 -4.73 5.14
N THR B 81 1.24 -6.02 5.33
CA THR B 81 0.90 -6.98 4.27
C THR B 81 -0.44 -7.66 4.52
N VAL B 82 -1.01 -7.54 5.72
CA VAL B 82 -2.30 -8.17 6.02
C VAL B 82 -3.25 -7.18 6.67
N GLY B 83 -2.80 -6.42 7.67
CA GLY B 83 -3.78 -5.66 8.49
C GLY B 83 -4.43 -4.55 7.74
N ALA B 84 -3.61 -3.58 7.31
CA ALA B 84 -4.20 -2.42 6.64
C ALA B 84 -4.96 -2.86 5.38
N ILE B 85 -4.43 -3.83 4.67
CA ILE B 85 -5.07 -4.37 3.47
C ILE B 85 -6.44 -4.92 3.81
N SER B 86 -6.56 -5.52 5.00
CA SER B 86 -7.84 -6.17 5.34
C SER B 86 -8.92 -5.14 5.59
N LEU B 87 -8.53 -3.91 5.86
CA LEU B 87 -9.53 -2.87 6.11
C LEU B 87 -10.09 -2.28 4.84
N LEU B 88 -9.42 -2.46 3.71
CA LEU B 88 -9.91 -1.82 2.47
C LEU B 88 -11.31 -2.26 2.05
N PRO B 89 -11.64 -3.52 2.02
CA PRO B 89 -12.96 -3.87 1.51
C PRO B 89 -14.11 -3.29 2.33
N ASP B 90 -13.90 -2.88 3.54
CA ASP B 90 -14.93 -2.38 4.43
C ASP B 90 -15.00 -0.86 4.50
N ALA B 91 -14.14 -0.18 3.74
CA ALA B 91 -14.09 1.28 3.86
C ALA B 91 -15.45 1.93 3.57
N GLU B 92 -15.74 2.97 4.34
CA GLU B 92 -16.90 3.81 4.12
C GLU B 92 -16.73 4.67 2.87
N THR B 93 -15.53 5.13 2.55
CA THR B 93 -15.32 6.03 1.42
C THR B 93 -14.14 5.54 0.59
N MET B 94 -14.12 5.96 -0.69
CA MET B 94 -12.98 5.59 -1.49
C MET B 94 -11.71 6.30 -1.02
N HIS B 95 -11.81 7.47 -0.40
CA HIS B 95 -10.64 8.20 0.10
C HIS B 95 -10.00 7.46 1.26
N GLU B 96 -10.79 6.84 2.11
CA GLU B 96 -10.31 5.98 3.20
C GLU B 96 -9.54 4.81 2.61
N GLU B 97 -10.02 4.21 1.50
CA GLU B 97 -9.25 3.14 0.88
C GLU B 97 -7.85 3.62 0.47
N ALA B 98 -7.80 4.81 -0.12
CA ALA B 98 -6.53 5.36 -0.52
C ALA B 98 -5.63 5.55 0.70
N VAL B 99 -6.15 6.06 1.81
CA VAL B 99 -5.35 6.15 3.04
C VAL B 99 -4.85 4.77 3.45
N TYR B 100 -5.64 3.71 3.42
CA TYR B 100 -5.11 2.40 3.81
C TYR B 100 -3.95 1.96 2.93
N THR B 101 -3.94 2.34 1.63
CA THR B 101 -2.76 1.97 0.81
C THR B 101 -1.52 2.71 1.29
N ASN B 102 -1.67 3.96 1.76
CA ASN B 102 -0.49 4.65 2.32
C ASN B 102 -0.05 3.95 3.58
N ILE B 103 -1.01 3.60 4.44
CA ILE B 103 -0.63 2.95 5.70
C ILE B 103 0.09 1.64 5.41
N ALA B 104 -0.41 0.80 4.50
CA ALA B 104 0.27 -0.46 4.21
C ALA B 104 1.71 -0.21 3.78
N PHE B 105 1.94 0.76 2.90
CA PHE B 105 3.30 1.07 2.45
C PHE B 105 4.16 1.53 3.60
N MET B 106 3.67 2.42 4.45
CA MET B 106 4.51 2.96 5.52
C MET B 106 4.79 1.87 6.54
N GLU B 107 3.88 0.92 6.71
CA GLU B 107 4.26 -0.17 7.62
C GLU B 107 5.43 -0.94 7.06
N SER B 108 5.50 -1.09 5.73
CA SER B 108 6.69 -1.75 5.14
C SER B 108 7.95 -0.92 5.39
N VAL B 109 7.81 0.40 5.29
CA VAL B 109 8.94 1.24 5.64
C VAL B 109 9.33 1.05 7.09
N HIS B 110 8.35 0.98 8.01
CA HIS B 110 8.69 0.79 9.42
C HIS B 110 9.46 -0.52 9.60
N ALA B 111 8.87 -1.56 9.00
CA ALA B 111 9.51 -2.88 9.17
C ALA B 111 10.95 -2.88 8.63
N LYS B 112 11.14 -2.26 7.47
CA LYS B 112 12.49 -2.19 6.88
C LYS B 112 13.44 -1.44 7.79
N SER B 113 12.98 -0.40 8.45
CA SER B 113 13.82 0.44 9.29
C SER B 113 14.55 -0.36 10.35
N TYR B 114 13.89 -1.38 10.92
CA TYR B 114 14.56 -2.21 11.94
C TYR B 114 15.71 -2.98 11.28
N SER B 115 15.55 -3.46 10.03
CA SER B 115 16.70 -4.10 9.39
C SER B 115 17.80 -3.06 9.11
N ASN B 116 17.46 -1.82 8.76
CA ASN B 116 18.52 -0.85 8.58
C ASN B 116 19.35 -0.66 9.86
N ILE B 117 18.67 -0.57 11.01
CA ILE B 117 19.35 -0.51 12.30
C ILE B 117 20.18 -1.75 12.54
N PHE B 118 19.61 -2.94 12.37
CA PHE B 118 20.38 -4.17 12.58
C PHE B 118 21.59 -4.25 11.66
N MET B 119 21.37 -3.96 10.40
CA MET B 119 22.49 -4.13 9.46
C MET B 119 23.62 -3.17 9.73
N THR B 120 23.29 -2.02 10.32
CA THR B 120 24.35 -1.06 10.68
C THR B 120 25.06 -1.45 11.95
N LEU B 121 24.35 -2.00 12.95
CA LEU B 121 24.92 -2.15 14.28
C LEU B 121 25.25 -3.58 14.68
N ALA B 122 24.37 -4.52 14.34
CA ALA B 122 24.46 -5.85 14.93
C ALA B 122 25.29 -6.82 14.10
N SER B 123 25.64 -7.96 14.74
CA SER B 123 26.43 -8.96 14.04
C SER B 123 25.52 -9.90 13.28
N THR B 124 26.11 -10.62 12.32
CA THR B 124 25.29 -11.55 11.56
C THR B 124 24.68 -12.62 12.46
N PRO B 125 25.40 -13.25 13.38
CA PRO B 125 24.69 -14.20 14.26
C PRO B 125 23.59 -13.56 15.06
N GLN B 126 23.80 -12.34 15.55
CA GLN B 126 22.79 -11.66 16.35
C GLN B 126 21.52 -11.49 15.54
N ILE B 127 21.66 -11.09 14.29
CA ILE B 127 20.44 -10.89 13.49
C ILE B 127 19.76 -12.22 13.25
N ASN B 128 20.50 -13.22 12.80
CA ASN B 128 19.85 -14.52 12.57
C ASN B 128 19.21 -15.07 13.82
N GLU B 129 19.90 -14.93 14.96
CA GLU B 129 19.36 -15.47 16.21
C GLU B 129 18.02 -14.84 16.54
N ALA B 130 17.89 -13.54 16.31
CA ALA B 130 16.67 -12.81 16.66
C ALA B 130 15.51 -13.22 15.77
N PHE B 131 15.77 -13.35 14.47
CA PHE B 131 14.66 -13.77 13.60
C PHE B 131 14.23 -15.19 13.93
N ARG B 132 15.15 -16.12 14.16
CA ARG B 132 14.70 -17.45 14.54
C ARG B 132 14.01 -17.41 15.89
N TRP B 133 14.49 -16.61 16.83
CA TRP B 133 13.82 -16.47 18.13
C TRP B 133 12.38 -16.00 17.92
N SER B 134 12.17 -15.03 17.05
CA SER B 134 10.82 -14.44 16.91
C SER B 134 9.83 -15.46 16.36
N GLU B 135 10.31 -16.38 15.55
CA GLU B 135 9.47 -17.42 14.98
C GLU B 135 9.08 -18.51 15.98
N GLU B 136 9.81 -18.66 17.09
CA GLU B 136 9.51 -19.71 18.05
C GLU B 136 9.02 -19.12 19.36
N ASN B 137 9.04 -17.82 19.59
CA ASN B 137 8.66 -17.28 20.90
C ASN B 137 7.15 -17.37 21.08
N GLU B 138 6.71 -18.04 22.14
CA GLU B 138 5.30 -18.33 22.21
C GLU B 138 4.46 -17.08 22.39
N ASN B 139 4.90 -16.12 23.18
CA ASN B 139 4.06 -14.93 23.42
C ASN B 139 3.98 -14.05 22.18
N LEU B 140 5.10 -14.00 21.44
CA LEU B 140 5.06 -13.16 20.24
C LEU B 140 4.20 -13.83 19.18
N GLN B 141 4.32 -15.13 18.99
CA GLN B 141 3.49 -15.84 17.99
C GLN B 141 2.02 -15.77 18.39
N ARG B 142 1.77 -15.81 19.70
CA ARG B 142 0.37 -15.78 20.15
C ARG B 142 -0.27 -14.42 19.86
N LYS B 143 0.44 -13.33 20.19
CA LYS B 143 -0.19 -12.03 19.92
C LYS B 143 -0.41 -11.87 18.43
N ALA B 144 0.55 -12.33 17.62
CA ALA B 144 0.44 -12.18 16.18
C ALA B 144 -0.77 -12.94 15.67
N LYS B 145 -0.88 -14.21 16.09
CA LYS B 145 -2.00 -14.98 15.49
C LYS B 145 -3.30 -14.51 16.04
N ILE B 146 -3.38 -14.02 17.27
CA ILE B 146 -4.66 -13.48 17.75
C ILE B 146 -5.12 -12.32 16.86
N ILE B 147 -4.23 -11.36 16.62
CA ILE B 147 -4.61 -10.23 15.77
C ILE B 147 -4.96 -10.69 14.37
N MET B 148 -4.14 -11.58 13.80
CA MET B 148 -4.42 -12.02 12.43
C MET B 148 -5.71 -12.81 12.29
N SER B 149 -6.13 -13.52 13.33
CA SER B 149 -7.42 -14.21 13.24
C SER B 149 -8.54 -13.22 12.97
N TYR B 150 -8.48 -12.00 13.50
CA TYR B 150 -9.52 -11.02 13.15
C TYR B 150 -9.35 -10.47 11.74
N TYR B 151 -8.11 -10.18 11.32
CA TYR B 151 -7.88 -9.74 9.95
C TYR B 151 -8.39 -10.76 8.94
N ASN B 152 -8.33 -12.02 9.27
CA ASN B 152 -8.74 -13.04 8.32
C ASN B 152 -10.19 -13.45 8.49
N GLY B 153 -10.87 -12.80 9.45
CA GLY B 153 -12.28 -13.09 9.72
C GLY B 153 -13.24 -12.27 8.91
N ASP B 154 -14.54 -12.36 9.21
CA ASP B 154 -15.52 -11.66 8.35
C ASP B 154 -16.22 -10.54 9.11
N ASP B 155 -15.69 -10.05 10.22
CA ASP B 155 -16.35 -8.93 10.92
C ASP B 155 -15.50 -7.67 10.74
N PRO B 156 -15.96 -6.70 9.96
CA PRO B 156 -15.15 -5.50 9.73
C PRO B 156 -14.84 -4.71 10.99
N LEU B 157 -15.77 -4.58 11.92
CA LEU B 157 -15.44 -3.77 13.10
C LEU B 157 -14.40 -4.44 13.97
N LYS B 158 -14.42 -5.78 14.08
CA LYS B 158 -13.37 -6.43 14.86
C LYS B 158 -11.99 -6.26 14.22
N LYS B 159 -11.95 -6.17 12.88
CA LYS B 159 -10.65 -5.93 12.29
C LYS B 159 -10.09 -4.58 12.75
N LYS B 160 -10.98 -3.58 12.87
CA LYS B 160 -10.51 -2.26 13.27
C LYS B 160 -10.13 -2.26 14.74
N VAL B 161 -10.81 -3.03 15.58
CA VAL B 161 -10.42 -3.12 16.98
C VAL B 161 -9.03 -3.74 17.07
N ALA B 162 -8.85 -4.87 16.39
CA ALA B 162 -7.57 -5.59 16.39
C ALA B 162 -6.45 -4.68 15.91
N SER B 163 -6.68 -3.97 14.83
CA SER B 163 -5.67 -3.03 14.33
C SER B 163 -5.28 -1.98 15.35
N THR B 164 -6.31 -1.39 15.98
CA THR B 164 -6.05 -0.27 16.90
C THR B 164 -5.34 -0.79 18.13
N LEU B 165 -5.69 -2.01 18.56
CA LEU B 165 -4.97 -2.55 19.71
C LEU B 165 -3.53 -2.90 19.31
N LEU B 166 -3.33 -3.40 18.08
CA LEU B 166 -1.96 -3.66 17.63
C LEU B 166 -1.19 -2.35 17.63
N GLU B 167 -1.71 -1.31 17.01
CA GLU B 167 -0.96 -0.07 16.90
C GLU B 167 -0.81 0.67 18.23
N SER B 168 -1.87 0.93 18.94
CA SER B 168 -1.84 1.79 20.13
C SER B 168 -1.40 1.11 21.42
N PHE B 169 -1.52 -0.22 21.45
CA PHE B 169 -1.06 -0.97 22.61
C PHE B 169 0.17 -1.80 22.27
N LEU B 170 0.11 -2.73 21.33
CA LEU B 170 1.26 -3.63 21.19
C LEU B 170 2.49 -2.88 20.67
N PHE B 171 2.36 -2.17 19.56
CA PHE B 171 3.51 -1.50 18.98
C PHE B 171 4.04 -0.38 19.87
N TYR B 172 3.09 0.43 20.37
CA TYR B 172 3.52 1.54 21.23
C TYR B 172 4.31 1.05 22.45
N SER B 173 3.90 -0.11 22.98
CA SER B 173 4.64 -0.60 24.14
C SER B 173 6.08 -0.94 23.80
N GLY B 174 6.40 -1.22 22.55
CA GLY B 174 7.76 -1.56 22.15
C GLY B 174 8.68 -0.35 22.13
N PHE B 175 8.08 0.85 22.18
CA PHE B 175 8.89 2.06 22.08
C PHE B 175 9.60 2.29 23.42
N TYR B 176 9.28 1.50 24.47
CA TYR B 176 9.97 1.77 25.73
C TYR B 176 11.48 1.74 25.56
N LEU B 177 11.99 0.66 25.00
CA LEU B 177 13.43 0.46 25.04
C LEU B 177 14.18 1.55 24.28
N PRO B 178 13.85 1.92 23.06
CA PRO B 178 14.65 2.96 22.39
C PRO B 178 14.59 4.28 23.14
N MET B 179 13.44 4.53 23.75
CA MET B 179 13.27 5.81 24.45
C MET B 179 14.08 5.81 25.74
N TYR B 180 14.11 4.67 26.42
CA TYR B 180 14.93 4.52 27.63
C TYR B 180 16.40 4.74 27.29
N LEU B 181 16.85 4.01 26.27
CA LEU B 181 18.26 4.09 25.95
C LEU B 181 18.63 5.50 25.49
N SER B 182 17.79 6.11 24.65
CA SER B 182 18.10 7.48 24.25
C SER B 182 18.20 8.48 25.39
N SER B 183 17.38 8.34 26.43
CA SER B 183 17.44 9.23 27.60
C SER B 183 18.71 8.95 28.42
N ARG B 184 19.38 7.84 28.07
CA ARG B 184 20.67 7.49 28.67
C ARG B 184 21.79 7.71 27.65
N ALA B 185 21.50 8.47 26.59
CA ALA B 185 22.53 8.83 25.63
C ALA B 185 23.00 7.65 24.79
N LYS B 186 22.18 6.64 24.65
CA LYS B 186 22.55 5.49 23.83
C LYS B 186 21.56 5.31 22.68
N LEU B 187 22.11 4.88 21.54
CA LEU B 187 21.28 4.69 20.33
C LEU B 187 20.44 5.94 20.07
N THR B 188 21.06 7.11 20.14
CA THR B 188 20.29 8.34 19.99
C THR B 188 19.80 8.52 18.55
N ASN B 189 20.56 8.07 17.53
CA ASN B 189 20.11 8.20 16.15
C ASN B 189 19.01 7.20 15.82
N THR B 190 19.15 5.96 16.27
CA THR B 190 18.07 4.97 16.20
C THR B 190 16.79 5.54 16.80
N ALA B 191 16.86 6.29 17.90
CA ALA B 191 15.65 6.86 18.52
C ALA B 191 14.98 7.85 17.56
N ASP B 192 15.77 8.51 16.72
CA ASP B 192 15.16 9.43 15.75
C ASP B 192 14.37 8.68 14.71
N ILE B 193 14.80 7.49 14.28
CA ILE B 193 13.94 6.68 13.42
C ILE B 193 12.66 6.30 14.15
N ILE B 194 12.79 5.92 15.41
CA ILE B 194 11.62 5.52 16.20
C ILE B 194 10.64 6.69 16.32
N ARG B 195 11.18 7.91 16.44
CA ARG B 195 10.25 9.03 16.53
C ARG B 195 9.47 9.23 15.23
N LEU B 196 10.06 8.90 14.09
CA LEU B 196 9.33 9.01 12.80
C LEU B 196 8.26 7.95 12.79
N ILE B 197 8.53 6.75 13.30
CA ILE B 197 7.53 5.69 13.37
C ILE B 197 6.39 6.12 14.29
N ILE B 198 6.71 6.66 15.47
CA ILE B 198 5.71 7.13 16.40
C ILE B 198 4.86 8.20 15.74
N ARG B 199 5.46 9.07 14.94
CA ARG B 199 4.66 10.11 14.30
C ARG B 199 3.60 9.56 13.36
N ASP B 200 3.90 8.43 12.72
CA ASP B 200 2.92 7.70 11.92
C ASP B 200 1.91 6.90 12.76
N GLU B 201 2.40 6.11 13.73
CA GLU B 201 1.53 5.25 14.51
C GLU B 201 0.47 6.03 15.29
N SER B 202 0.88 7.21 15.77
CA SER B 202 -0.09 8.02 16.46
C SER B 202 -1.33 8.30 15.61
N VAL B 203 -1.09 8.59 14.35
CA VAL B 203 -2.15 8.94 13.41
C VAL B 203 -2.92 7.68 12.99
N HIS B 204 -2.21 6.57 12.75
CA HIS B 204 -2.85 5.31 12.38
C HIS B 204 -3.89 4.89 13.44
N GLY B 205 -3.48 4.82 14.69
CA GLY B 205 -4.43 4.37 15.72
C GLY B 205 -5.54 5.37 15.89
N TYR B 206 -5.29 6.67 15.78
CA TYR B 206 -6.41 7.61 15.90
C TYR B 206 -7.41 7.43 14.78
N TYR B 207 -6.91 7.26 13.56
CA TYR B 207 -7.78 7.26 12.38
C TYR B 207 -8.60 5.99 12.30
N ILE B 208 -7.93 4.84 12.51
CA ILE B 208 -8.70 3.57 12.41
C ILE B 208 -9.64 3.47 13.59
N GLY B 209 -9.24 3.99 14.75
CA GLY B 209 -10.16 4.05 15.89
C GLY B 209 -11.36 4.96 15.62
N TYR B 210 -11.12 6.06 14.91
CA TYR B 210 -12.20 6.96 14.52
C TYR B 210 -13.18 6.23 13.61
N LYS B 211 -12.67 5.50 12.64
CA LYS B 211 -13.53 4.75 11.74
C LYS B 211 -14.29 3.67 12.49
N TYR B 212 -13.66 3.00 13.44
CA TYR B 212 -14.40 2.05 14.25
C TYR B 212 -15.55 2.72 15.00
N GLN B 213 -15.25 3.86 15.66
CA GLN B 213 -16.31 4.59 16.39
C GLN B 213 -17.49 4.93 15.47
N GLN B 214 -17.19 5.39 14.26
CA GLN B 214 -18.24 5.81 13.33
C GLN B 214 -19.06 4.59 12.94
N GLY B 215 -18.44 3.43 12.77
CA GLY B 215 -19.19 2.24 12.41
C GLY B 215 -20.03 1.68 13.54
N VAL B 216 -19.48 1.65 14.74
CA VAL B 216 -20.25 0.96 15.79
C VAL B 216 -21.43 1.83 16.20
N LYS B 217 -21.33 3.15 16.01
CA LYS B 217 -22.40 4.03 16.39
C LYS B 217 -23.60 3.90 15.46
N LYS B 218 -23.37 3.21 14.34
CA LYS B 218 -24.50 2.97 13.45
C LYS B 218 -25.36 1.82 13.97
N LEU B 219 -24.88 1.13 14.99
CA LEU B 219 -25.57 -0.05 15.52
C LEU B 219 -26.51 0.23 16.68
N SER B 220 -27.31 -0.78 17.02
CA SER B 220 -28.22 -0.69 18.16
C SER B 220 -27.46 -0.55 19.47
N GLU B 221 -28.11 -0.09 20.54
CA GLU B 221 -27.36 0.12 21.78
C GLU B 221 -26.87 -1.21 22.30
N ALA B 222 -27.68 -2.25 22.18
CA ALA B 222 -27.28 -3.61 22.58
C ALA B 222 -26.08 -4.12 21.78
N GLU B 223 -26.06 -3.88 20.46
CA GLU B 223 -24.94 -4.33 19.65
C GLU B 223 -23.69 -3.55 20.01
N GLN B 224 -23.86 -2.26 20.29
CA GLN B 224 -22.68 -1.49 20.71
C GLN B 224 -22.09 -2.01 22.01
N GLU B 225 -22.93 -2.40 22.96
CA GLU B 225 -22.32 -2.90 24.21
C GLU B 225 -21.69 -4.28 23.97
N GLU B 226 -22.20 -5.09 23.04
CA GLU B 226 -21.54 -6.34 22.66
C GLU B 226 -20.17 -6.06 22.08
N TYR B 227 -20.02 -5.08 21.20
CA TYR B 227 -18.68 -4.76 20.69
C TYR B 227 -17.77 -4.23 21.78
N LYS B 228 -18.30 -3.48 22.74
CA LYS B 228 -17.48 -2.93 23.82
C LYS B 228 -17.01 -4.08 24.71
N ALA B 229 -17.88 -5.02 25.00
CA ALA B 229 -17.46 -6.19 25.78
C ALA B 229 -16.39 -7.00 25.05
N TYR B 230 -16.57 -7.24 23.75
CA TYR B 230 -15.57 -7.92 22.93
C TYR B 230 -14.22 -7.22 23.07
N THR B 231 -14.26 -5.90 22.95
CA THR B 231 -13.02 -5.11 22.95
C THR B 231 -12.29 -5.23 24.29
N PHE B 232 -13.07 -5.12 25.36
CA PHE B 232 -12.43 -5.20 26.69
C PHE B 232 -11.88 -6.58 26.96
N ASP B 233 -12.61 -7.64 26.50
CA ASP B 233 -12.09 -9.01 26.69
C ASP B 233 -10.81 -9.20 25.88
N LEU B 234 -10.78 -8.74 24.63
CA LEU B 234 -9.58 -8.92 23.83
C LEU B 234 -8.44 -8.09 24.41
N MET B 235 -8.75 -6.84 24.83
CA MET B 235 -7.68 -6.03 25.43
C MET B 235 -7.07 -6.72 26.62
N TYR B 236 -7.89 -7.28 27.51
CA TYR B 236 -7.30 -7.87 28.70
C TYR B 236 -6.51 -9.13 28.36
N ASP B 237 -6.93 -9.93 27.40
CA ASP B 237 -6.20 -11.09 26.92
C ASP B 237 -4.83 -10.66 26.42
N LEU B 238 -4.81 -9.62 25.58
CA LEU B 238 -3.52 -9.17 25.01
C LEU B 238 -2.64 -8.58 26.09
N TYR B 239 -3.27 -7.89 27.06
CA TYR B 239 -2.49 -7.37 28.20
C TYR B 239 -1.83 -8.46 29.01
N GLU B 240 -2.59 -9.51 29.38
CA GLU B 240 -1.97 -10.62 30.13
C GLU B 240 -0.81 -11.26 29.36
N ASN B 241 -1.01 -11.44 28.05
CA ASN B 241 0.07 -12.00 27.26
C ASN B 241 1.27 -11.06 27.23
N GLU B 242 0.99 -9.77 27.14
CA GLU B 242 2.06 -8.75 27.10
C GLU B 242 2.80 -8.66 28.43
N ILE B 243 2.10 -8.91 29.54
CA ILE B 243 2.79 -8.95 30.85
C ILE B 243 3.87 -10.04 30.81
N GLU B 244 3.52 -11.22 30.29
CA GLU B 244 4.49 -12.32 30.29
C GLU B 244 5.65 -11.96 29.37
N TYR B 245 5.33 -11.36 28.23
CA TYR B 245 6.37 -11.02 27.23
C TYR B 245 7.35 -10.02 27.85
N THR B 246 6.74 -9.09 28.59
CA THR B 246 7.50 -8.02 29.22
C THR B 246 8.44 -8.56 30.29
N GLU B 247 7.94 -9.46 31.14
CA GLU B 247 8.83 -10.04 32.16
C GLU B 247 10.00 -10.74 31.50
N ASP B 248 9.67 -11.51 30.45
CA ASP B 248 10.77 -12.25 29.80
C ASP B 248 11.80 -11.34 29.13
N ILE B 249 11.35 -10.25 28.51
CA ILE B 249 12.30 -9.37 27.83
C ILE B 249 13.10 -8.52 28.81
N TYR B 250 12.42 -8.04 29.87
CA TYR B 250 13.06 -6.98 30.67
C TYR B 250 13.49 -7.32 32.07
N ASP B 251 13.15 -8.50 32.55
CA ASP B 251 13.49 -8.80 33.94
C ASP B 251 14.99 -8.71 34.18
N ASP B 252 15.84 -9.20 33.28
CA ASP B 252 17.27 -9.19 33.59
C ASP B 252 17.81 -7.77 33.66
N LEU B 253 17.31 -6.92 32.75
CA LEU B 253 17.71 -5.53 32.80
C LEU B 253 17.16 -4.76 34.00
N GLY B 254 16.05 -5.23 34.55
CA GLY B 254 15.43 -4.60 35.70
C GLY B 254 14.46 -3.52 35.32
N TRP B 255 14.06 -3.41 34.05
CA TRP B 255 13.13 -2.36 33.64
C TRP B 255 11.67 -2.74 33.77
N THR B 256 11.32 -3.93 34.17
CA THR B 256 9.97 -4.49 34.06
C THR B 256 8.88 -3.66 34.69
N GLU B 257 9.11 -3.16 35.92
CA GLU B 257 7.98 -2.48 36.57
C GLU B 257 7.55 -1.22 35.82
N ASP B 258 8.53 -0.44 35.31
CA ASP B 258 8.17 0.75 34.57
C ASP B 258 7.55 0.37 33.23
N VAL B 259 8.06 -0.69 32.58
CA VAL B 259 7.42 -1.07 31.32
C VAL B 259 5.98 -1.47 31.58
N LYS B 260 5.68 -2.16 32.72
CA LYS B 260 4.29 -2.55 32.98
C LYS B 260 3.42 -1.33 33.23
N ARG B 261 3.90 -0.28 33.88
CA ARG B 261 3.13 0.96 33.91
C ARG B 261 2.85 1.52 32.53
N PHE B 262 3.84 1.44 31.66
CA PHE B 262 3.68 1.86 30.26
C PHE B 262 2.65 1.01 29.53
N LEU B 263 2.64 -0.31 29.81
CA LEU B 263 1.59 -1.13 29.19
C LEU B 263 0.21 -0.61 29.54
N ARG B 264 0.00 -0.26 30.82
CA ARG B 264 -1.33 0.17 31.22
C ARG B 264 -1.65 1.54 30.66
N TYR B 265 -0.64 2.42 30.63
CA TYR B 265 -0.80 3.71 29.95
C TYR B 265 -1.28 3.49 28.52
N ASN B 266 -0.61 2.61 27.76
CA ASN B 266 -0.93 2.42 26.34
C ASN B 266 -2.25 1.67 26.17
N ALA B 267 -2.59 0.77 27.08
CA ALA B 267 -3.91 0.10 27.02
C ALA B 267 -5.04 1.11 27.11
N ASN B 268 -4.91 2.05 28.05
CA ASN B 268 -5.95 3.09 28.17
C ASN B 268 -6.00 3.96 26.93
N LYS B 269 -4.85 4.34 26.35
CA LYS B 269 -4.84 5.14 25.15
C LYS B 269 -5.48 4.38 24.00
N ALA B 270 -5.21 3.10 23.84
CA ALA B 270 -5.82 2.32 22.76
C ALA B 270 -7.33 2.29 22.93
N LEU B 271 -7.82 2.06 24.15
CA LEU B 271 -9.27 2.07 24.38
C LEU B 271 -9.84 3.43 24.07
N ASN B 272 -9.13 4.50 24.45
CA ASN B 272 -9.63 5.85 24.15
C ASN B 272 -9.76 6.05 22.66
N ASN B 273 -8.79 5.52 21.89
CA ASN B 273 -8.88 5.68 20.42
C ASN B 273 -10.11 5.00 19.86
N LEU B 274 -10.66 4.01 20.54
CA LEU B 274 -11.83 3.27 20.14
C LEU B 274 -13.13 3.87 20.75
N GLY B 275 -12.99 4.95 21.50
CA GLY B 275 -14.10 5.68 22.07
C GLY B 275 -14.46 5.19 23.44
N TYR B 276 -13.62 4.39 24.11
CA TYR B 276 -13.95 3.84 25.43
C TYR B 276 -13.05 4.38 26.56
N GLU B 277 -13.58 4.40 27.78
CA GLU B 277 -12.82 4.74 28.98
C GLU B 277 -11.80 3.63 29.27
N GLY B 278 -10.82 3.93 30.13
CA GLY B 278 -9.71 2.98 30.26
C GLY B 278 -10.02 1.81 31.20
N LEU B 279 -9.28 0.71 31.08
CA LEU B 279 -9.42 -0.46 31.94
C LEU B 279 -8.63 -0.34 33.23
N PHE B 280 -7.70 0.64 33.23
CA PHE B 280 -6.85 0.85 34.40
C PHE B 280 -7.05 2.21 35.05
N PRO B 281 -7.07 2.30 36.37
CA PRO B 281 -7.14 3.63 36.98
C PRO B 281 -5.92 4.41 36.50
N THR B 282 -6.04 5.71 36.39
CA THR B 282 -4.91 6.50 35.87
C THR B 282 -3.66 6.36 36.71
N ASP B 283 -3.83 6.21 38.03
CA ASP B 283 -2.59 6.18 38.84
C ASP B 283 -1.84 4.87 38.71
N GLU B 284 -2.35 3.93 37.93
CA GLU B 284 -1.57 2.73 37.61
C GLU B 284 -0.79 2.88 36.30
N THR B 285 -0.78 4.06 35.70
CA THR B 285 -0.20 4.24 34.38
C THR B 285 0.98 5.20 34.45
N LYS B 286 1.63 5.35 35.61
CA LYS B 286 2.66 6.37 35.74
C LYS B 286 4.02 5.93 35.24
N VAL B 287 4.17 5.84 33.93
CA VAL B 287 5.47 5.53 33.35
C VAL B 287 6.44 6.68 33.61
N SER B 288 7.73 6.40 33.76
CA SER B 288 8.67 7.49 34.08
C SER B 288 8.59 8.59 33.04
N PRO B 289 8.71 9.81 33.57
CA PRO B 289 8.57 11.03 32.79
C PRO B 289 9.45 11.14 31.55
N ALA B 290 10.69 10.69 31.63
CA ALA B 290 11.61 10.72 30.48
C ALA B 290 11.04 9.96 29.30
N ILE B 291 10.41 8.83 29.66
CA ILE B 291 9.94 7.95 28.59
C ILE B 291 8.91 8.74 27.80
N LEU B 292 7.99 9.34 28.58
CA LEU B 292 6.98 10.07 27.83
C LEU B 292 7.54 11.26 27.07
N SER B 293 8.44 11.98 27.75
CA SER B 293 8.97 13.16 27.05
C SER B 293 9.85 12.72 25.89
N SER B 294 10.44 11.53 25.96
CA SER B 294 11.33 11.09 24.88
C SER B 294 10.54 10.76 23.62
N LEU B 295 9.24 10.54 23.82
CA LEU B 295 8.39 10.18 22.69
C LEU B 295 8.32 11.32 21.67
N SER B 296 8.65 12.52 22.10
CA SER B 296 8.60 13.69 21.23
C SER B 296 8.89 14.97 22.01
MN MN3 C . -0.32 3.97 -11.88
MN MN3 D . 1.29 1.07 -12.04
MN MN3 E . 0.78 1.67 12.06
MN MN3 F . 3.94 0.83 11.92
#